data_7C6K
#
_entry.id   7C6K
#
_cell.length_a   58.580
_cell.length_b   62.960
_cell.length_c   109.890
_cell.angle_alpha   90.000
_cell.angle_beta   90.000
_cell.angle_gamma   90.000
#
_symmetry.space_group_name_H-M   'P 21 21 21'
#
loop_
_entity.id
_entity.type
_entity.pdbx_description
1 polymer 'Sugar ABC transporter, periplasmic sugar-binding protein'
2 branched beta-D-glucopyranose-(1-4)-beta-D-glucopyranose-(1-4)-beta-D-glucopyranose
3 non-polymer 'CHLORIDE ION'
4 non-polymer 'SULFATE ION'
5 non-polymer 1,2-ETHANEDIOL
6 non-polymer 'PYROPHOSPHATE 2-'
7 water water
#
_entity_poly.entity_id   1
_entity_poly.type   'polypeptide(L)'
_entity_poly.pdbx_seq_one_letter_code
;MQKTLEVWIMPNSPQPAEDFKALVAPFEKAHGVEVKVTVLDWGVAWTKITTAATSGVGPDLTQLGTTWVGAISAMGVLEP
VDDVLEALGGEKAYLPAVWRTTRLEGARQATAVPWFSELRAFYYRTDALKAAGVNPAEMFASWQGFEAGLARLKASSFRD
PETKAPLAPLCTPGRTPRTLHNAAPWIWGAGGEIVRQAGGRWQSALNSPESLEGLYFFLSLAQKGYVPAESLEKNTAQIE
ADFQAGKCAVFASGPWMIQRAQVPEAKGGFAERTAAKNLGVAPYPAGPKGRYTFFGGSNLALFNFSKNKPLAKELLKYLG
GPEAQVRYAQMTGMLPALRSAWSDPSFQQNPLLRTFIQAAQFGRTYPSLAGWGGVENLAVQHLGMAWDLVAQGRLTREAL
KDLMDKASAAINQALRHHHHHH
;
_entity_poly.pdbx_strand_id   A
#
# COMPACT_ATOMS: atom_id res chain seq x y z
N LYS A 3 -18.51 -19.42 -23.34
CA LYS A 3 -17.92 -19.38 -21.96
C LYS A 3 -17.51 -17.93 -21.68
N THR A 4 -18.07 -17.34 -20.62
CA THR A 4 -17.63 -16.02 -20.10
C THR A 4 -17.10 -16.23 -18.67
N LEU A 5 -15.84 -15.89 -18.42
CA LEU A 5 -15.24 -15.87 -17.06
C LEU A 5 -15.41 -14.45 -16.50
N GLU A 6 -15.75 -14.30 -15.24
CA GLU A 6 -15.97 -13.00 -14.57
C GLU A 6 -14.82 -12.71 -13.61
N VAL A 7 -14.18 -11.57 -13.79
CA VAL A 7 -13.10 -11.12 -12.88
C VAL A 7 -13.48 -9.74 -12.30
N TRP A 8 -13.35 -9.58 -10.99
CA TRP A 8 -13.45 -8.30 -10.27
C TRP A 8 -12.02 -7.79 -10.01
N ILE A 9 -11.75 -6.53 -10.31
CA ILE A 9 -10.41 -5.92 -10.00
C ILE A 9 -10.67 -4.54 -9.43
N MET A 10 -9.61 -3.97 -8.89
CA MET A 10 -9.60 -2.61 -8.40
C MET A 10 -8.88 -1.72 -9.43
N PRO A 11 -8.97 -0.39 -9.28
CA PRO A 11 -8.44 0.58 -10.25
C PRO A 11 -6.90 0.70 -10.20
N ASN A 12 -6.21 -0.31 -10.72
CA ASN A 12 -4.72 -0.45 -10.57
C ASN A 12 -3.95 0.34 -11.65
N SER A 13 -4.62 0.92 -12.65
CA SER A 13 -4.01 1.75 -13.72
C SER A 13 -5.06 2.76 -14.23
N PRO A 14 -4.67 3.77 -15.02
CA PRO A 14 -5.58 4.84 -15.39
C PRO A 14 -6.86 4.44 -16.12
N GLN A 15 -6.80 3.50 -17.08
CA GLN A 15 -8.05 2.90 -17.67
C GLN A 15 -8.01 1.42 -17.31
N PRO A 16 -8.41 1.08 -16.07
CA PRO A 16 -8.10 -0.21 -15.46
C PRO A 16 -8.74 -1.40 -16.20
N ALA A 17 -9.99 -1.28 -16.66
CA ALA A 17 -10.62 -2.39 -17.38
C ALA A 17 -9.94 -2.62 -18.73
N GLU A 18 -9.62 -1.55 -19.46
CA GLU A 18 -8.98 -1.66 -20.77
C GLU A 18 -7.64 -2.36 -20.59
N ASP A 19 -6.87 -1.94 -19.59
CA ASP A 19 -5.52 -2.53 -19.42
C ASP A 19 -5.64 -4.03 -19.07
N PHE A 20 -6.62 -4.38 -18.25
CA PHE A 20 -6.85 -5.79 -17.88
C PHE A 20 -7.29 -6.61 -19.10
N LYS A 21 -8.20 -6.10 -19.87
CA LYS A 21 -8.64 -6.69 -21.13
C LYS A 21 -7.45 -6.89 -22.09
N ALA A 22 -6.57 -5.94 -22.26
CA ALA A 22 -5.35 -6.10 -23.11
C ALA A 22 -4.48 -7.22 -22.55
N LEU A 23 -4.35 -7.28 -21.25
CA LEU A 23 -3.46 -8.26 -20.56
C LEU A 23 -3.98 -9.68 -20.83
N VAL A 24 -5.29 -9.91 -20.81
CA VAL A 24 -5.83 -11.32 -20.89
C VAL A 24 -6.20 -11.72 -22.32
N ALA A 25 -6.13 -10.81 -23.30
CA ALA A 25 -6.50 -11.13 -24.69
C ALA A 25 -5.83 -12.42 -25.16
N PRO A 26 -4.50 -12.65 -25.01
CA PRO A 26 -3.88 -13.91 -25.47
C PRO A 26 -4.49 -15.18 -24.83
N PHE A 27 -4.88 -15.08 -23.57
CA PHE A 27 -5.52 -16.17 -22.80
C PHE A 27 -6.89 -16.44 -23.41
N GLU A 28 -7.68 -15.39 -23.65
CA GLU A 28 -9.03 -15.51 -24.29
C GLU A 28 -8.91 -16.25 -25.62
N LYS A 29 -7.92 -15.90 -26.45
CA LYS A 29 -7.75 -16.47 -27.81
C LYS A 29 -7.33 -17.93 -27.70
N ALA A 30 -6.39 -18.25 -26.82
CA ALA A 30 -5.83 -19.60 -26.61
C ALA A 30 -6.92 -20.56 -26.06
N HIS A 31 -7.84 -20.10 -25.24
CA HIS A 31 -8.78 -20.97 -24.51
C HIS A 31 -10.22 -20.78 -25.02
N GLY A 32 -10.49 -19.89 -25.97
CA GLY A 32 -11.90 -19.78 -26.46
C GLY A 32 -12.91 -19.22 -25.48
N VAL A 33 -12.52 -18.26 -24.68
CA VAL A 33 -13.38 -17.67 -23.64
C VAL A 33 -13.27 -16.16 -23.71
N GLU A 34 -14.33 -15.52 -23.24
CA GLU A 34 -14.40 -14.08 -22.99
C GLU A 34 -14.18 -13.91 -21.50
N VAL A 35 -13.23 -13.03 -21.16
CA VAL A 35 -13.12 -12.61 -19.76
C VAL A 35 -13.85 -11.31 -19.60
N LYS A 36 -14.84 -11.29 -18.73
CA LYS A 36 -15.60 -10.05 -18.42
C LYS A 36 -15.11 -9.44 -17.11
N VAL A 37 -14.64 -8.20 -17.19
CA VAL A 37 -14.05 -7.53 -16.00
C VAL A 37 -15.02 -6.48 -15.43
N THR A 38 -15.06 -6.40 -14.10
CA THR A 38 -15.78 -5.36 -13.34
C THR A 38 -14.74 -4.68 -12.47
N VAL A 39 -14.68 -3.36 -12.53
CA VAL A 39 -13.73 -2.60 -11.68
C VAL A 39 -14.47 -2.05 -10.47
N LEU A 40 -13.96 -2.35 -9.29
CA LEU A 40 -14.52 -1.88 -7.98
C LEU A 40 -13.57 -0.84 -7.37
N ASP A 41 -14.04 0.36 -7.00
CA ASP A 41 -13.21 1.35 -6.26
C ASP A 41 -12.78 0.74 -4.93
N TRP A 42 -11.56 1.02 -4.51
CA TRP A 42 -10.95 0.55 -3.26
C TRP A 42 -11.88 0.85 -2.05
N GLY A 43 -12.60 1.95 -2.09
CA GLY A 43 -13.42 2.39 -0.94
C GLY A 43 -14.62 1.49 -0.71
N VAL A 44 -15.12 0.84 -1.76
CA VAL A 44 -16.29 -0.08 -1.67
C VAL A 44 -15.93 -1.55 -1.95
N ALA A 45 -14.68 -1.86 -2.31
CA ALA A 45 -14.45 -3.22 -2.86
C ALA A 45 -14.70 -4.26 -1.76
N TRP A 46 -14.23 -3.99 -0.54
CA TRP A 46 -14.37 -4.93 0.61
C TRP A 46 -15.85 -5.27 0.84
N THR A 47 -16.74 -4.28 0.89
CA THR A 47 -18.20 -4.51 1.02
C THR A 47 -18.70 -5.39 -0.12
N LYS A 48 -18.30 -5.10 -1.37
CA LYS A 48 -18.90 -5.84 -2.50
C LYS A 48 -18.39 -7.27 -2.50
N ILE A 49 -17.15 -7.47 -2.10
CA ILE A 49 -16.54 -8.83 -2.10
C ILE A 49 -17.17 -9.63 -0.95
N THR A 50 -17.40 -9.00 0.18
CA THR A 50 -18.02 -9.72 1.31
C THR A 50 -19.48 -10.05 0.99
N THR A 51 -20.27 -9.19 0.31
CA THR A 51 -21.66 -9.51 -0.11
C THR A 51 -21.60 -10.74 -1.05
N ALA A 52 -20.55 -10.81 -1.86
CA ALA A 52 -20.40 -11.95 -2.78
C ALA A 52 -20.14 -13.23 -1.95
N ALA A 53 -19.26 -13.15 -0.96
CA ALA A 53 -18.84 -14.28 -0.08
C ALA A 53 -20.10 -14.83 0.60
N THR A 54 -20.90 -13.95 1.20
CA THR A 54 -22.05 -14.34 2.06
C THR A 54 -23.20 -14.86 1.17
N SER A 55 -23.43 -14.28 -0.01
CA SER A 55 -24.60 -14.60 -0.87
C SER A 55 -24.33 -15.79 -1.78
N GLY A 56 -23.05 -16.06 -2.11
CA GLY A 56 -22.67 -16.98 -3.20
C GLY A 56 -23.01 -16.49 -4.58
N VAL A 57 -23.18 -15.18 -4.76
CA VAL A 57 -23.41 -14.56 -6.07
C VAL A 57 -22.21 -13.65 -6.30
N GLY A 58 -21.44 -13.93 -7.34
CA GLY A 58 -20.22 -13.16 -7.53
C GLY A 58 -19.47 -13.57 -8.77
N PRO A 59 -18.21 -13.08 -8.91
CA PRO A 59 -17.39 -13.43 -10.05
C PRO A 59 -16.75 -14.81 -9.88
N ASP A 60 -15.98 -15.22 -10.87
CA ASP A 60 -15.12 -16.41 -10.77
C ASP A 60 -13.91 -16.02 -9.92
N LEU A 61 -13.19 -15.00 -10.35
CA LEU A 61 -11.98 -14.55 -9.62
C LEU A 61 -12.26 -13.17 -9.07
N THR A 62 -11.62 -12.83 -7.98
CA THR A 62 -11.56 -11.43 -7.51
C THR A 62 -10.11 -11.10 -7.13
N GLN A 63 -9.71 -9.87 -7.40
CA GLN A 63 -8.58 -9.22 -6.71
C GLN A 63 -8.90 -9.09 -5.21
N LEU A 64 -7.89 -9.30 -4.41
CA LEU A 64 -7.97 -9.07 -2.96
C LEU A 64 -6.71 -8.29 -2.58
N GLY A 65 -6.86 -7.18 -1.85
CA GLY A 65 -5.67 -6.70 -1.16
C GLY A 65 -5.04 -7.79 -0.32
N THR A 66 -3.72 -7.79 -0.22
CA THR A 66 -3.02 -8.85 0.56
C THR A 66 -3.58 -8.92 1.99
N THR A 67 -4.00 -7.78 2.56
CA THR A 67 -4.34 -7.68 3.98
C THR A 67 -5.72 -8.23 4.21
N TRP A 68 -6.47 -8.52 3.16
CA TRP A 68 -7.87 -8.99 3.20
C TRP A 68 -7.90 -10.53 3.12
N VAL A 69 -6.84 -11.19 2.66
CA VAL A 69 -6.87 -12.64 2.35
C VAL A 69 -7.34 -13.49 3.55
N GLY A 70 -6.87 -13.18 4.75
CA GLY A 70 -7.23 -13.91 5.98
C GLY A 70 -8.70 -13.87 6.25
N ALA A 71 -9.29 -12.66 6.19
CA ALA A 71 -10.71 -12.46 6.55
C ALA A 71 -11.59 -13.18 5.52
N ILE A 72 -11.30 -13.08 4.23
CA ILE A 72 -12.19 -13.73 3.23
C ILE A 72 -11.97 -15.25 3.29
N SER A 73 -10.73 -15.68 3.47
CA SER A 73 -10.43 -17.13 3.59
C SER A 73 -11.23 -17.76 4.74
N ALA A 74 -11.33 -17.05 5.90
CA ALA A 74 -11.96 -17.58 7.12
C ALA A 74 -13.44 -17.84 6.89
N MET A 75 -14.01 -17.22 5.87
CA MET A 75 -15.44 -17.26 5.57
C MET A 75 -15.71 -18.58 4.84
N GLY A 76 -14.65 -19.32 4.50
CA GLY A 76 -14.73 -20.63 3.82
C GLY A 76 -15.31 -20.60 2.41
N VAL A 77 -15.17 -19.51 1.67
CA VAL A 77 -15.72 -19.33 0.29
C VAL A 77 -14.62 -19.38 -0.78
N LEU A 78 -13.36 -19.64 -0.42
CA LEU A 78 -12.27 -19.63 -1.41
C LEU A 78 -11.81 -21.05 -1.74
N GLU A 79 -11.63 -21.29 -3.03
CA GLU A 79 -11.10 -22.53 -3.59
C GLU A 79 -9.63 -22.65 -3.23
N PRO A 80 -9.12 -23.84 -2.80
CA PRO A 80 -7.67 -23.99 -2.56
C PRO A 80 -6.94 -23.84 -3.88
N VAL A 81 -5.77 -23.20 -3.84
CA VAL A 81 -4.93 -22.88 -5.02
C VAL A 81 -3.48 -23.32 -4.70
N ASP A 82 -3.27 -24.32 -3.84
CA ASP A 82 -1.89 -24.88 -3.69
C ASP A 82 -1.36 -25.40 -5.03
N ASP A 83 -2.23 -26.00 -5.85
CA ASP A 83 -1.86 -26.57 -7.16
C ASP A 83 -1.33 -25.48 -8.08
N VAL A 84 -2.05 -24.33 -8.13
CA VAL A 84 -1.64 -23.19 -8.99
C VAL A 84 -0.28 -22.71 -8.49
N LEU A 85 -0.10 -22.49 -7.18
CA LEU A 85 1.15 -21.97 -6.60
C LEU A 85 2.30 -22.92 -6.93
N GLU A 86 2.09 -24.23 -6.85
CA GLU A 86 3.19 -25.19 -7.23
C GLU A 86 3.53 -25.06 -8.72
N ALA A 87 2.53 -24.90 -9.59
CA ALA A 87 2.76 -24.70 -11.03
C ALA A 87 3.59 -23.45 -11.28
N LEU A 88 3.51 -22.43 -10.45
CA LEU A 88 4.22 -21.17 -10.66
C LEU A 88 5.60 -21.19 -9.99
N GLY A 89 5.96 -22.29 -9.30
CA GLY A 89 7.31 -22.52 -8.73
C GLY A 89 7.31 -22.61 -7.22
N GLY A 90 6.14 -22.60 -6.59
CA GLY A 90 5.97 -22.76 -5.14
C GLY A 90 6.64 -21.68 -4.30
N GLU A 91 6.93 -22.03 -3.04
CA GLU A 91 7.30 -21.06 -1.99
C GLU A 91 8.57 -20.32 -2.43
N LYS A 92 9.46 -21.00 -3.14
CA LYS A 92 10.78 -20.42 -3.50
C LYS A 92 10.61 -19.31 -4.54
N ALA A 93 9.51 -19.33 -5.31
CA ALA A 93 9.26 -18.34 -6.38
C ALA A 93 8.88 -16.97 -5.80
N TYR A 94 8.70 -16.83 -4.48
CA TYR A 94 8.14 -15.60 -3.86
C TYR A 94 9.00 -15.14 -2.69
N LEU A 95 9.12 -13.83 -2.52
CA LEU A 95 9.55 -13.27 -1.22
C LEU A 95 8.66 -13.85 -0.11
N PRO A 96 9.24 -14.15 1.09
CA PRO A 96 8.41 -14.54 2.24
C PRO A 96 7.24 -13.59 2.56
N ALA A 97 7.46 -12.29 2.47
CA ALA A 97 6.43 -11.22 2.66
C ALA A 97 5.27 -11.48 1.68
N VAL A 98 5.53 -12.04 0.50
CA VAL A 98 4.43 -12.30 -0.48
C VAL A 98 3.84 -13.66 -0.13
N TRP A 99 4.67 -14.66 0.11
CA TRP A 99 4.17 -16.04 0.34
C TRP A 99 3.22 -16.08 1.53
N ARG A 100 3.48 -15.31 2.56
CA ARG A 100 2.60 -15.30 3.76
C ARG A 100 1.18 -14.80 3.43
N THR A 101 0.98 -14.02 2.34
CA THR A 101 -0.32 -13.47 1.88
C THR A 101 -1.14 -14.52 1.12
N THR A 102 -0.64 -15.73 0.88
CA THR A 102 -1.32 -16.74 0.04
C THR A 102 -2.33 -17.53 0.87
N ARG A 103 -2.38 -17.29 2.15
CA ARG A 103 -3.30 -18.04 3.05
C ARG A 103 -3.60 -17.29 4.34
N LEU A 104 -4.70 -17.68 4.96
CA LEU A 104 -5.01 -17.34 6.36
C LEU A 104 -3.93 -17.96 7.25
N GLU A 105 -3.30 -17.17 8.12
CA GLU A 105 -2.24 -17.73 9.01
C GLU A 105 -2.81 -18.97 9.73
N GLY A 106 -2.11 -20.09 9.63
CA GLY A 106 -2.47 -21.39 10.25
C GLY A 106 -3.48 -22.21 9.46
N ALA A 107 -3.91 -21.73 8.29
CA ALA A 107 -4.72 -22.52 7.35
C ALA A 107 -3.84 -23.64 6.77
N ARG A 108 -4.47 -24.73 6.35
CA ARG A 108 -3.77 -25.93 5.80
C ARG A 108 -3.66 -25.83 4.28
N GLN A 109 -4.34 -24.86 3.67
CA GLN A 109 -4.35 -24.74 2.20
C GLN A 109 -4.21 -23.27 1.83
N ALA A 110 -3.53 -22.98 0.73
CA ALA A 110 -3.46 -21.64 0.11
C ALA A 110 -4.82 -21.30 -0.53
N THR A 111 -5.19 -20.03 -0.43
CA THR A 111 -6.46 -19.50 -0.97
C THR A 111 -6.25 -18.24 -1.79
N ALA A 112 -5.02 -17.78 -2.02
CA ALA A 112 -4.84 -16.63 -2.92
C ALA A 112 -3.52 -16.81 -3.66
N VAL A 113 -3.48 -16.34 -4.91
CA VAL A 113 -2.33 -16.36 -5.84
C VAL A 113 -1.79 -14.94 -5.94
N PRO A 114 -0.51 -14.72 -5.62
CA PRO A 114 0.08 -13.38 -5.73
C PRO A 114 0.01 -12.82 -7.15
N TRP A 115 -0.46 -11.56 -7.23
CA TRP A 115 -0.64 -10.90 -8.53
C TRP A 115 0.39 -9.80 -8.70
N PHE A 116 0.39 -8.81 -7.79
CA PHE A 116 1.42 -7.78 -7.83
C PHE A 116 1.79 -7.39 -6.41
N SER A 117 2.94 -6.73 -6.25
CA SER A 117 3.46 -6.25 -4.95
CA SER A 117 3.40 -6.25 -4.93
C SER A 117 3.59 -4.73 -5.02
N GLU A 118 3.57 -4.08 -3.89
CA GLU A 118 3.84 -2.64 -3.83
C GLU A 118 4.31 -2.37 -2.40
N LEU A 119 5.13 -1.34 -2.26
CA LEU A 119 5.61 -0.94 -0.93
C LEU A 119 5.78 0.58 -0.93
N ARG A 120 5.92 1.18 0.25
CA ARG A 120 5.85 2.67 0.35
C ARG A 120 7.24 3.28 0.51
N ALA A 121 7.40 4.46 -0.08
CA ALA A 121 8.59 5.30 0.04
C ALA A 121 8.15 6.75 -0.12
N PHE A 122 9.09 7.66 0.07
CA PHE A 122 8.84 9.11 -0.04
C PHE A 122 9.16 9.55 -1.45
N TYR A 123 8.19 10.18 -2.07
CA TYR A 123 8.39 11.02 -3.27
C TYR A 123 8.79 12.38 -2.77
N TYR A 124 9.74 12.99 -3.45
CA TYR A 124 10.18 14.36 -3.06
C TYR A 124 10.50 15.21 -4.28
N ARG A 125 10.37 16.50 -4.07
CA ARG A 125 10.61 17.56 -5.11
C ARG A 125 12.12 17.86 -5.11
N THR A 126 12.81 17.33 -6.12
CA THR A 126 14.28 17.48 -6.29
C THR A 126 14.64 18.96 -6.36
N ASP A 127 13.81 19.76 -7.04
CA ASP A 127 13.98 21.25 -7.13
C ASP A 127 13.84 21.89 -5.74
N ALA A 128 12.84 21.52 -4.95
CA ALA A 128 12.56 22.09 -3.62
C ALA A 128 13.68 21.73 -2.63
N LEU A 129 14.16 20.48 -2.60
CA LEU A 129 15.19 20.11 -1.61
C LEU A 129 16.52 20.84 -1.90
N LYS A 130 16.89 20.91 -3.16
CA LYS A 130 18.03 21.76 -3.65
C LYS A 130 17.87 23.19 -3.17
N ALA A 131 16.73 23.84 -3.43
CA ALA A 131 16.54 25.27 -3.09
C ALA A 131 16.59 25.44 -1.57
N ALA A 132 16.25 24.43 -0.79
CA ALA A 132 16.32 24.48 0.69
C ALA A 132 17.71 24.04 1.21
N GLY A 133 18.60 23.55 0.35
CA GLY A 133 19.92 23.02 0.76
C GLY A 133 19.74 21.77 1.61
N VAL A 134 18.78 20.94 1.25
CA VAL A 134 18.61 19.62 1.90
C VAL A 134 19.24 18.53 1.03
N ASN A 135 20.10 17.73 1.64
CA ASN A 135 20.72 16.62 0.92
C ASN A 135 19.80 15.43 1.16
N PRO A 136 19.15 14.84 0.13
CA PRO A 136 18.19 13.79 0.40
C PRO A 136 18.80 12.58 1.12
N ALA A 137 20.06 12.24 0.80
CA ALA A 137 20.81 11.15 1.47
C ALA A 137 20.85 11.41 2.99
N GLU A 138 20.84 12.66 3.46
CA GLU A 138 20.77 12.98 4.93
C GLU A 138 19.32 12.93 5.44
N MET A 139 18.41 13.62 4.74
CA MET A 139 17.01 13.76 5.17
C MET A 139 16.38 12.38 5.35
N PHE A 140 16.70 11.42 4.50
CA PHE A 140 15.96 10.13 4.49
C PHE A 140 16.78 9.03 5.13
N ALA A 141 17.80 9.39 5.92
CA ALA A 141 18.69 8.42 6.60
C ALA A 141 18.13 8.01 7.98
N SER A 142 17.66 8.99 8.75
CA SER A 142 17.28 8.87 10.18
C SER A 142 16.10 9.77 10.49
N TRP A 143 15.48 9.59 11.64
CA TRP A 143 14.39 10.48 12.09
C TRP A 143 14.93 11.89 12.31
N GLN A 144 16.12 12.01 12.88
CA GLN A 144 16.78 13.32 13.10
C GLN A 144 16.97 14.05 11.76
N GLY A 145 17.52 13.37 10.74
CA GLY A 145 17.71 13.90 9.38
C GLY A 145 16.40 14.38 8.79
N PHE A 146 15.38 13.56 8.95
CA PHE A 146 14.02 13.83 8.40
C PHE A 146 13.50 15.17 8.92
N GLU A 147 13.47 15.31 10.24
CA GLU A 147 12.90 16.51 10.91
C GLU A 147 13.75 17.74 10.52
N ALA A 148 15.09 17.60 10.42
CA ALA A 148 15.98 18.73 10.05
C ALA A 148 15.73 19.15 8.61
N GLY A 149 15.49 18.19 7.71
CA GLY A 149 15.12 18.43 6.31
C GLY A 149 13.81 19.18 6.26
N LEU A 150 12.82 18.76 7.03
CA LEU A 150 11.49 19.46 7.00
C LEU A 150 11.66 20.88 7.53
N ALA A 151 12.48 21.08 8.57
CA ALA A 151 12.81 22.40 9.14
C ALA A 151 13.38 23.32 8.06
N ARG A 152 14.37 22.84 7.29
CA ARG A 152 14.98 23.63 6.19
C ARG A 152 13.87 23.94 5.20
N LEU A 153 13.05 22.91 4.88
CA LEU A 153 11.99 23.08 3.88
C LEU A 153 10.98 24.14 4.36
N LYS A 154 10.70 24.24 5.66
CA LYS A 154 9.70 25.23 6.15
C LYS A 154 10.33 26.63 6.00
N ALA A 155 11.63 26.74 6.28
CA ALA A 155 12.39 28.03 6.21
C ALA A 155 12.47 28.54 4.77
N SER A 156 12.48 27.62 3.79
CA SER A 156 12.87 27.87 2.38
C SER A 156 11.99 28.96 1.77
N SER A 157 12.60 29.73 0.84
CA SER A 157 11.93 30.80 0.04
C SER A 157 11.50 30.25 -1.33
N PHE A 158 11.68 28.96 -1.56
CA PHE A 158 11.24 28.31 -2.82
C PHE A 158 9.73 28.47 -3.03
N ARG A 159 9.36 28.72 -4.29
CA ARG A 159 7.95 28.72 -4.75
C ARG A 159 7.85 27.80 -5.95
N ASP A 160 6.79 27.02 -6.05
CA ASP A 160 6.51 26.20 -7.26
C ASP A 160 6.43 27.13 -8.47
N PRO A 161 7.07 26.78 -9.60
CA PRO A 161 6.96 27.59 -10.83
C PRO A 161 5.54 27.80 -11.36
N GLU A 162 4.66 26.80 -11.19
CA GLU A 162 3.25 26.88 -11.69
C GLU A 162 2.40 27.60 -10.63
N THR A 163 2.41 27.19 -9.35
CA THR A 163 1.46 27.76 -8.37
C THR A 163 1.94 29.17 -7.97
N LYS A 164 3.23 29.48 -8.18
CA LYS A 164 3.95 30.67 -7.63
C LYS A 164 3.76 30.79 -6.11
N ALA A 165 3.54 29.68 -5.41
CA ALA A 165 3.28 29.60 -3.95
C ALA A 165 4.30 28.70 -3.27
N PRO A 166 4.48 28.80 -1.93
CA PRO A 166 5.36 27.89 -1.20
C PRO A 166 4.80 26.45 -1.19
N LEU A 167 5.64 25.50 -0.77
CA LEU A 167 5.29 24.07 -0.69
C LEU A 167 5.29 23.68 0.77
N ALA A 168 4.27 22.93 1.14
CA ALA A 168 4.25 22.19 2.40
C ALA A 168 5.57 21.42 2.45
N PRO A 169 6.28 21.44 3.59
CA PRO A 169 7.38 20.51 3.76
C PRO A 169 6.99 19.03 3.57
N LEU A 170 5.92 18.64 4.25
CA LEU A 170 5.39 17.25 4.21
C LEU A 170 3.88 17.32 4.07
N CYS A 171 3.34 16.59 3.12
CA CYS A 171 1.89 16.37 3.05
C CYS A 171 1.60 14.95 3.50
N THR A 172 0.67 14.82 4.44
CA THR A 172 0.18 13.53 4.94
C THR A 172 -1.26 13.81 5.32
N PRO A 173 -2.20 12.93 4.95
CA PRO A 173 -3.60 13.17 5.30
C PRO A 173 -3.91 13.05 6.81
N GLY A 174 -4.78 13.95 7.30
CA GLY A 174 -5.21 13.93 8.70
C GLY A 174 -6.66 13.47 8.84
N ARG A 175 -7.41 13.23 7.79
CA ARG A 175 -8.80 12.73 7.94
C ARG A 175 -8.64 11.28 8.38
N THR A 176 -9.56 10.80 9.21
CA THR A 176 -9.53 9.39 9.69
C THR A 176 -9.19 8.46 8.51
N PRO A 177 -8.04 7.78 8.57
CA PRO A 177 -7.57 6.99 7.42
C PRO A 177 -8.34 5.68 7.29
N ARG A 178 -8.37 5.09 6.09
CA ARG A 178 -8.95 3.73 5.89
C ARG A 178 -7.98 2.72 6.52
N THR A 179 -6.67 2.99 6.47
CA THR A 179 -5.62 2.04 6.91
C THR A 179 -4.49 2.73 7.71
N LEU A 180 -3.74 1.90 8.37
CA LEU A 180 -2.48 2.28 9.05
C LEU A 180 -1.28 2.28 8.09
N HIS A 181 -1.41 2.18 6.79
CA HIS A 181 -0.23 2.13 5.89
C HIS A 181 0.70 3.32 6.13
N ASN A 182 0.18 4.52 6.38
CA ASN A 182 1.01 5.72 6.61
C ASN A 182 1.68 5.68 7.98
N ALA A 183 0.97 5.18 8.99
CA ALA A 183 1.47 5.23 10.40
C ALA A 183 2.46 4.08 10.65
N ALA A 184 2.28 2.95 9.98
CA ALA A 184 2.97 1.67 10.29
C ALA A 184 4.47 1.81 10.29
N PRO A 185 5.11 2.45 9.30
CA PRO A 185 6.57 2.52 9.32
C PRO A 185 7.12 3.24 10.56
N TRP A 186 6.38 4.17 11.10
CA TRP A 186 6.79 4.97 12.30
C TRP A 186 6.69 4.11 13.55
N ILE A 187 5.56 3.40 13.69
CA ILE A 187 5.35 2.36 14.75
C ILE A 187 6.50 1.37 14.72
N TRP A 188 6.76 0.78 13.55
CA TRP A 188 7.76 -0.29 13.42
C TRP A 188 9.17 0.26 13.67
N GLY A 189 9.49 1.41 13.09
CA GLY A 189 10.85 2.01 13.19
C GLY A 189 11.21 2.32 14.62
N ALA A 190 10.22 2.60 15.46
CA ALA A 190 10.46 2.85 16.90
C ALA A 190 10.62 1.55 17.69
N GLY A 191 10.40 0.40 17.05
CA GLY A 191 10.50 -0.92 17.69
C GLY A 191 9.16 -1.40 18.21
N GLY A 192 8.09 -0.75 17.79
CA GLY A 192 6.73 -1.20 18.10
C GLY A 192 6.10 -2.11 17.05
N GLU A 193 4.84 -2.44 17.29
CA GLU A 193 4.02 -3.24 16.35
C GLU A 193 2.56 -2.94 16.59
N ILE A 194 1.71 -3.36 15.67
CA ILE A 194 0.27 -3.06 15.78
C ILE A 194 -0.33 -4.14 16.68
N VAL A 195 -0.04 -5.39 16.33
CA VAL A 195 -0.37 -6.54 17.21
C VAL A 195 0.88 -7.41 17.36
N ARG A 196 0.93 -8.15 18.45
CA ARG A 196 2.06 -9.01 18.82
C ARG A 196 1.46 -10.35 19.24
N GLN A 197 2.09 -11.38 18.71
CA GLN A 197 1.85 -12.77 19.13
C GLN A 197 2.80 -13.11 20.29
N ALA A 198 2.22 -13.48 21.41
CA ALA A 198 2.98 -13.96 22.58
C ALA A 198 2.07 -14.81 23.47
N GLY A 199 2.62 -15.83 24.11
CA GLY A 199 1.81 -16.50 25.16
C GLY A 199 0.55 -17.11 24.57
N GLY A 200 0.69 -17.70 23.39
CA GLY A 200 -0.37 -18.44 22.67
C GLY A 200 -1.51 -17.54 22.22
N ARG A 201 -1.27 -16.23 22.02
CA ARG A 201 -2.35 -15.29 21.58
C ARG A 201 -1.81 -14.03 20.89
N TRP A 202 -2.69 -13.35 20.15
CA TRP A 202 -2.44 -12.01 19.55
C TRP A 202 -3.02 -10.96 20.48
N GLN A 203 -2.26 -9.91 20.77
CA GLN A 203 -2.80 -8.76 21.51
C GLN A 203 -2.38 -7.47 20.80
N SER A 204 -3.14 -6.42 21.03
CA SER A 204 -2.71 -5.07 20.59
C SER A 204 -1.35 -4.76 21.20
N ALA A 205 -0.51 -4.10 20.42
CA ALA A 205 0.74 -3.46 20.87
C ALA A 205 0.74 -1.98 20.52
N LEU A 206 -0.40 -1.41 20.12
CA LEU A 206 -0.45 0.02 19.73
C LEU A 206 -0.11 0.95 20.90
N ASN A 207 -0.35 0.49 22.14
CA ASN A 207 -0.13 1.28 23.37
C ASN A 207 1.17 0.89 24.07
N SER A 208 2.04 0.12 23.40
CA SER A 208 3.39 -0.20 23.96
C SER A 208 4.15 1.12 24.00
N PRO A 209 5.14 1.32 24.89
CA PRO A 209 5.95 2.55 24.80
C PRO A 209 6.62 2.80 23.42
N GLU A 210 7.11 1.75 22.76
CA GLU A 210 7.78 1.86 21.44
C GLU A 210 6.75 2.32 20.39
N SER A 211 5.63 1.63 20.28
CA SER A 211 4.56 2.04 19.33
C SER A 211 4.19 3.51 19.53
N LEU A 212 4.02 3.92 20.79
CA LEU A 212 3.61 5.30 21.09
C LEU A 212 4.75 6.26 20.75
N GLU A 213 6.02 5.88 20.93
CA GLU A 213 7.10 6.81 20.52
C GLU A 213 7.05 7.10 19.02
N GLY A 214 6.80 6.07 18.21
CA GLY A 214 6.73 6.14 16.75
C GLY A 214 5.55 6.97 16.30
N LEU A 215 4.42 6.75 16.93
CA LEU A 215 3.18 7.43 16.52
C LEU A 215 3.31 8.90 16.89
N TYR A 216 3.74 9.16 18.12
CA TYR A 216 3.90 10.54 18.58
C TYR A 216 4.90 11.25 17.68
N PHE A 217 6.01 10.60 17.32
CA PHE A 217 7.03 11.27 16.50
C PHE A 217 6.39 11.75 15.18
N PHE A 218 5.61 10.86 14.56
CA PHE A 218 4.93 11.07 13.26
C PHE A 218 3.89 12.18 13.40
N LEU A 219 2.95 12.07 14.33
CA LEU A 219 1.82 13.05 14.41
C LEU A 219 2.36 14.41 14.85
N SER A 220 3.41 14.44 15.65
CA SER A 220 3.94 15.72 16.18
C SER A 220 4.72 16.50 15.10
N LEU A 221 5.11 15.90 13.99
CA LEU A 221 5.66 16.65 12.83
C LEU A 221 4.64 17.68 12.36
N ALA A 222 3.37 17.31 12.27
CA ALA A 222 2.33 18.22 11.80
C ALA A 222 2.11 19.29 12.85
N GLN A 223 2.14 18.86 14.11
CA GLN A 223 1.91 19.74 15.27
C GLN A 223 3.00 20.80 15.31
N LYS A 224 4.23 20.49 14.87
CA LYS A 224 5.39 21.43 14.81
C LYS A 224 5.33 22.32 13.57
N GLY A 225 4.33 22.20 12.71
CA GLY A 225 4.15 23.08 11.53
C GLY A 225 4.77 22.54 10.25
N TYR A 226 5.20 21.27 10.19
CA TYR A 226 5.85 20.73 8.96
C TYR A 226 4.77 20.23 8.00
N VAL A 227 3.55 20.08 8.50
CA VAL A 227 2.36 19.64 7.71
C VAL A 227 1.34 20.76 7.90
N PRO A 228 0.87 21.39 6.83
CA PRO A 228 -0.10 22.49 6.98
C PRO A 228 -1.47 22.03 7.47
N ALA A 229 -2.20 22.92 8.15
CA ALA A 229 -3.60 22.65 8.56
C ALA A 229 -4.41 22.06 7.40
N GLU A 230 -4.28 22.61 6.18
CA GLU A 230 -5.07 22.18 5.02
C GLU A 230 -4.92 20.67 4.80
N SER A 231 -3.73 20.12 5.03
CA SER A 231 -3.44 18.70 4.81
C SER A 231 -4.16 17.81 5.83
N LEU A 232 -4.32 18.31 7.04
CA LEU A 232 -5.01 17.57 8.14
C LEU A 232 -6.47 17.37 7.72
N GLU A 233 -7.06 18.26 6.89
CA GLU A 233 -8.47 18.12 6.48
C GLU A 233 -8.60 17.31 5.19
N LYS A 234 -7.53 16.66 4.71
CA LYS A 234 -7.60 15.86 3.46
C LYS A 234 -7.39 14.37 3.72
N ASN A 235 -7.81 13.57 2.73
CA ASN A 235 -7.60 12.12 2.67
C ASN A 235 -6.44 11.80 1.72
N THR A 236 -6.15 10.53 1.56
CA THR A 236 -4.95 10.12 0.81
C THR A 236 -5.03 10.58 -0.63
N ALA A 237 -6.18 10.40 -1.28
CA ALA A 237 -6.32 10.78 -2.70
C ALA A 237 -6.10 12.27 -2.86
N GLN A 238 -6.63 13.07 -1.95
CA GLN A 238 -6.52 14.56 -1.98
C GLN A 238 -5.05 14.93 -1.83
N ILE A 239 -4.33 14.28 -0.94
CA ILE A 239 -2.89 14.65 -0.74
C ILE A 239 -2.14 14.28 -2.01
N GLU A 240 -2.41 13.12 -2.59
CA GLU A 240 -1.75 12.68 -3.86
C GLU A 240 -1.98 13.74 -4.95
N ALA A 241 -3.20 14.23 -5.09
CA ALA A 241 -3.55 15.31 -6.06
C ALA A 241 -2.76 16.59 -5.72
N ASP A 242 -2.61 16.93 -4.44
CA ASP A 242 -1.87 18.11 -3.96
C ASP A 242 -0.39 17.96 -4.33
N PHE A 243 0.24 16.81 -4.10
CA PHE A 243 1.64 16.59 -4.55
C PHE A 243 1.71 16.85 -6.05
N GLN A 244 0.79 16.26 -6.82
CA GLN A 244 0.81 16.36 -8.29
C GLN A 244 0.72 17.83 -8.67
N ALA A 245 -0.13 18.56 -7.97
CA ALA A 245 -0.46 19.98 -8.24
C ALA A 245 0.62 20.93 -7.70
N GLY A 246 1.75 20.47 -7.17
CA GLY A 246 2.86 21.33 -6.73
C GLY A 246 2.70 21.97 -5.36
N LYS A 247 1.90 21.42 -4.48
CA LYS A 247 1.64 21.99 -3.15
C LYS A 247 2.51 21.36 -2.05
N CYS A 248 3.25 20.25 -2.30
CA CYS A 248 3.96 19.44 -1.26
C CYS A 248 5.40 19.16 -1.72
N ALA A 249 6.39 19.34 -0.84
CA ALA A 249 7.78 18.92 -1.13
C ALA A 249 7.94 17.40 -1.00
N VAL A 250 7.28 16.79 -0.02
CA VAL A 250 7.52 15.36 0.39
C VAL A 250 6.17 14.71 0.60
N PHE A 251 5.99 13.49 0.06
CA PHE A 251 4.78 12.70 0.38
C PHE A 251 5.06 11.23 0.14
N ALA A 252 4.46 10.39 0.97
CA ALA A 252 4.68 8.93 0.93
C ALA A 252 3.61 8.30 0.07
N SER A 253 4.06 7.42 -0.84
CA SER A 253 3.15 6.64 -1.69
C SER A 253 3.83 5.39 -2.18
N GLY A 254 3.16 4.68 -3.05
CA GLY A 254 3.75 3.47 -3.64
C GLY A 254 4.31 3.72 -5.04
N PRO A 255 4.77 2.66 -5.73
CA PRO A 255 5.57 2.80 -6.96
C PRO A 255 4.76 3.28 -8.16
N TRP A 256 3.44 3.20 -8.08
CA TRP A 256 2.54 3.50 -9.22
C TRP A 256 2.74 4.96 -9.65
N MET A 257 3.10 5.84 -8.72
CA MET A 257 3.19 7.28 -9.02
CA MET A 257 3.18 7.27 -9.04
C MET A 257 4.30 7.51 -10.07
N ILE A 258 5.29 6.63 -10.13
CA ILE A 258 6.32 6.71 -11.18
C ILE A 258 5.67 6.58 -12.55
N GLN A 259 4.79 5.62 -12.74
CA GLN A 259 4.13 5.38 -14.05
C GLN A 259 3.22 6.61 -14.28
N ARG A 260 2.45 7.01 -13.28
CA ARG A 260 1.48 8.10 -13.48
C ARG A 260 2.23 9.36 -13.94
N ALA A 261 3.46 9.56 -13.47
CA ALA A 261 4.25 10.75 -13.83
C ALA A 261 4.61 10.73 -15.32
N GLN A 262 4.49 9.62 -16.03
CA GLN A 262 4.83 9.55 -17.48
C GLN A 262 3.54 9.61 -18.30
N VAL A 263 2.37 9.72 -17.66
CA VAL A 263 1.05 9.79 -18.34
C VAL A 263 0.57 11.23 -18.31
N PRO A 264 0.05 11.75 -19.44
CA PRO A 264 -0.50 13.11 -19.45
C PRO A 264 -1.67 13.25 -18.46
N GLU A 265 -1.89 14.48 -17.95
CA GLU A 265 -2.94 14.76 -16.95
C GLU A 265 -4.29 14.30 -17.52
N ALA A 266 -4.54 14.59 -18.81
CA ALA A 266 -5.87 14.32 -19.42
C ALA A 266 -6.08 12.81 -19.61
N LYS A 267 -5.02 12.00 -19.45
CA LYS A 267 -5.01 10.52 -19.51
C LYS A 267 -4.94 9.90 -18.11
N GLY A 268 -4.93 10.72 -17.05
CA GLY A 268 -4.99 10.21 -15.66
C GLY A 268 -3.64 10.23 -14.98
N GLY A 269 -2.67 10.96 -15.52
CA GLY A 269 -1.33 11.07 -14.91
C GLY A 269 -1.05 12.50 -14.54
N PHE A 270 0.21 12.89 -14.47
CA PHE A 270 0.59 14.30 -14.20
C PHE A 270 1.85 14.69 -14.96
N ALA A 271 2.09 14.11 -16.11
CA ALA A 271 3.37 14.31 -16.86
C ALA A 271 3.71 15.80 -17.05
N GLU A 272 2.73 16.65 -17.37
CA GLU A 272 3.01 18.08 -17.69
C GLU A 272 3.50 18.84 -16.47
N ARG A 273 3.17 18.35 -15.26
CA ARG A 273 3.29 19.13 -13.99
C ARG A 273 4.77 19.22 -13.58
N THR A 274 5.13 20.32 -12.92
CA THR A 274 6.51 20.51 -12.42
C THR A 274 6.93 19.31 -11.56
N ALA A 275 6.01 18.77 -10.74
CA ALA A 275 6.38 17.65 -9.84
C ALA A 275 6.87 16.46 -10.67
N ALA A 276 6.27 16.18 -11.82
CA ALA A 276 6.61 15.03 -12.71
C ALA A 276 8.01 15.24 -13.29
N LYS A 277 8.38 16.50 -13.51
CA LYS A 277 9.66 16.88 -14.16
C LYS A 277 10.75 17.09 -13.10
N ASN A 278 10.43 17.00 -11.82
CA ASN A 278 11.40 17.19 -10.72
C ASN A 278 11.14 16.13 -9.63
N LEU A 279 11.09 14.86 -10.01
CA LEU A 279 10.60 13.79 -9.10
C LEU A 279 11.79 12.99 -8.57
N GLY A 280 11.88 12.85 -7.25
CA GLY A 280 12.81 11.96 -6.57
C GLY A 280 12.05 10.93 -5.78
N VAL A 281 12.74 9.86 -5.41
CA VAL A 281 12.22 8.85 -4.45
C VAL A 281 13.33 8.53 -3.47
N ALA A 282 12.98 8.49 -2.19
CA ALA A 282 13.88 8.07 -1.09
C ALA A 282 13.12 7.11 -0.18
N PRO A 283 13.80 6.12 0.44
CA PRO A 283 13.18 5.21 1.40
C PRO A 283 12.78 5.97 2.67
N TYR A 284 11.88 5.35 3.41
CA TYR A 284 11.61 5.78 4.80
C TYR A 284 12.94 5.77 5.58
N PRO A 285 13.17 6.81 6.38
CA PRO A 285 14.37 6.91 7.24
C PRO A 285 14.31 5.82 8.29
N ALA A 286 15.51 5.35 8.65
CA ALA A 286 15.69 4.41 9.77
C ALA A 286 15.12 5.06 11.04
N GLY A 287 14.39 4.30 11.82
CA GLY A 287 14.08 4.75 13.17
C GLY A 287 15.15 4.28 14.13
N PRO A 288 14.93 4.52 15.43
CA PRO A 288 15.87 4.08 16.46
C PRO A 288 16.10 2.59 16.50
N LYS A 289 15.14 1.78 16.03
CA LYS A 289 15.21 0.31 16.02
C LYS A 289 15.26 -0.25 14.61
N GLY A 290 15.46 0.60 13.61
CA GLY A 290 15.82 0.23 12.23
C GLY A 290 14.82 0.71 11.19
N ARG A 291 15.07 0.26 9.97
CA ARG A 291 14.42 0.66 8.70
C ARG A 291 13.25 -0.28 8.40
N TYR A 292 12.05 0.28 8.28
CA TYR A 292 10.86 -0.50 7.90
C TYR A 292 10.00 0.31 6.95
N THR A 293 9.28 -0.39 6.09
CA THR A 293 8.20 0.23 5.31
C THR A 293 7.07 -0.75 5.19
N PHE A 294 5.90 -0.26 4.83
CA PHE A 294 4.73 -1.12 4.56
C PHE A 294 4.96 -1.79 3.20
N PHE A 295 4.76 -3.10 3.17
CA PHE A 295 4.87 -3.94 1.96
C PHE A 295 3.52 -4.57 1.77
N GLY A 296 2.88 -4.31 0.65
CA GLY A 296 1.57 -4.94 0.37
C GLY A 296 1.49 -5.40 -1.07
N GLY A 297 0.36 -5.16 -1.68
CA GLY A 297 0.00 -5.65 -2.98
C GLY A 297 -1.34 -6.36 -2.97
N SER A 298 -1.61 -7.03 -4.07
CA SER A 298 -2.90 -7.68 -4.34
C SER A 298 -2.64 -9.09 -4.88
N ASN A 299 -3.52 -9.99 -4.48
CA ASN A 299 -3.60 -11.38 -4.94
C ASN A 299 -4.90 -11.58 -5.66
N LEU A 300 -5.04 -12.71 -6.29
CA LEU A 300 -6.27 -13.20 -6.96
C LEU A 300 -6.82 -14.41 -6.24
N ALA A 301 -8.10 -14.49 -6.05
CA ALA A 301 -8.75 -15.66 -5.44
C ALA A 301 -9.92 -16.09 -6.28
N LEU A 302 -10.19 -17.39 -6.14
CA LEU A 302 -11.24 -18.11 -6.83
C LEU A 302 -12.32 -18.46 -5.83
N PHE A 303 -13.53 -17.96 -6.06
CA PHE A 303 -14.67 -18.39 -5.23
C PHE A 303 -15.01 -19.86 -5.45
N ASN A 304 -15.25 -20.59 -4.37
CA ASN A 304 -15.47 -22.05 -4.44
C ASN A 304 -16.89 -22.32 -4.99
N PHE A 305 -17.72 -21.28 -5.17
CA PHE A 305 -19.04 -21.46 -5.82
C PHE A 305 -18.99 -21.16 -7.32
N SER A 306 -17.82 -20.86 -7.88
CA SER A 306 -17.63 -20.67 -9.34
C SER A 306 -18.07 -21.89 -10.11
N LYS A 307 -18.72 -21.70 -11.25
CA LYS A 307 -19.10 -22.80 -12.17
C LYS A 307 -18.00 -22.99 -13.22
N ASN A 308 -16.84 -22.32 -13.06
CA ASN A 308 -15.79 -22.29 -14.11
C ASN A 308 -14.41 -22.50 -13.48
N LYS A 309 -14.31 -23.36 -12.51
CA LYS A 309 -13.04 -23.46 -11.74
C LYS A 309 -11.88 -23.91 -12.61
N PRO A 310 -12.02 -24.94 -13.48
CA PRO A 310 -10.92 -25.32 -14.37
C PRO A 310 -10.31 -24.16 -15.18
N LEU A 311 -11.14 -23.45 -15.93
CA LEU A 311 -10.71 -22.29 -16.75
C LEU A 311 -10.14 -21.20 -15.81
N ALA A 312 -10.79 -20.96 -14.66
CA ALA A 312 -10.33 -19.94 -13.71
C ALA A 312 -8.93 -20.29 -13.22
N LYS A 313 -8.69 -21.54 -12.85
CA LYS A 313 -7.30 -21.93 -12.42
C LYS A 313 -6.28 -21.70 -13.53
N GLU A 314 -6.58 -21.99 -14.78
CA GLU A 314 -5.70 -21.65 -15.94
C GLU A 314 -5.52 -20.13 -15.99
N LEU A 315 -6.56 -19.34 -15.68
CA LEU A 315 -6.35 -17.87 -15.75
C LEU A 315 -5.46 -17.43 -14.60
N LEU A 316 -5.61 -18.04 -13.42
CA LEU A 316 -4.71 -17.75 -12.28
C LEU A 316 -3.27 -18.06 -12.64
N LYS A 317 -2.98 -19.23 -13.24
CA LYS A 317 -1.60 -19.57 -13.67
CA LYS A 317 -1.60 -19.59 -13.68
C LYS A 317 -1.10 -18.56 -14.72
N TYR A 318 -1.97 -18.08 -15.58
CA TYR A 318 -1.58 -17.13 -16.62
C TYR A 318 -1.22 -15.81 -15.95
N LEU A 319 -2.15 -15.26 -15.15
CA LEU A 319 -1.95 -13.94 -14.50
C LEU A 319 -0.79 -14.00 -13.50
N GLY A 320 -0.56 -15.14 -12.89
CA GLY A 320 0.53 -15.22 -11.91
C GLY A 320 1.86 -15.58 -12.49
N GLY A 321 1.98 -15.87 -13.79
CA GLY A 321 3.23 -16.36 -14.40
C GLY A 321 4.06 -15.22 -14.99
N PRO A 322 5.31 -15.49 -15.38
CA PRO A 322 6.29 -14.46 -15.67
C PRO A 322 5.87 -13.42 -16.72
N GLU A 323 5.39 -13.87 -17.86
CA GLU A 323 5.15 -12.89 -18.94
C GLU A 323 4.05 -11.91 -18.45
N ALA A 324 2.92 -12.41 -17.97
CA ALA A 324 1.81 -11.51 -17.57
C ALA A 324 2.20 -10.66 -16.36
N GLN A 325 3.05 -11.21 -15.51
CA GLN A 325 3.59 -10.50 -14.31
C GLN A 325 4.27 -9.23 -14.79
N VAL A 326 5.18 -9.37 -15.76
CA VAL A 326 5.92 -8.20 -16.27
C VAL A 326 4.94 -7.26 -16.95
N ARG A 327 4.12 -7.78 -17.82
CA ARG A 327 3.25 -6.90 -18.60
C ARG A 327 2.37 -6.10 -17.65
N TYR A 328 1.69 -6.74 -16.72
CA TYR A 328 0.71 -6.00 -15.87
C TYR A 328 1.47 -4.98 -15.03
N ALA A 329 2.63 -5.33 -14.49
CA ALA A 329 3.39 -4.40 -13.60
C ALA A 329 3.79 -3.19 -14.42
N GLN A 330 4.13 -3.41 -15.70
CA GLN A 330 4.48 -2.34 -16.66
C GLN A 330 3.28 -1.42 -16.82
N MET A 331 2.07 -1.98 -16.94
CA MET A 331 0.89 -1.13 -17.21
C MET A 331 0.44 -0.33 -15.95
N THR A 332 0.61 -0.89 -14.75
CA THR A 332 0.07 -0.34 -13.47
C THR A 332 1.08 0.57 -12.77
N GLY A 333 2.36 0.26 -12.95
CA GLY A 333 3.45 0.83 -12.15
C GLY A 333 3.69 0.09 -10.85
N MET A 334 3.08 -1.06 -10.67
CA MET A 334 3.33 -1.88 -9.49
C MET A 334 4.58 -2.73 -9.72
N LEU A 335 4.96 -3.51 -8.73
CA LEU A 335 6.02 -4.51 -8.93
C LEU A 335 5.43 -5.90 -9.15
N PRO A 336 6.11 -6.78 -9.91
CA PRO A 336 5.62 -8.16 -10.00
C PRO A 336 5.49 -8.79 -8.61
N ALA A 337 4.61 -9.79 -8.49
CA ALA A 337 4.65 -10.62 -7.26
C ALA A 337 5.76 -11.68 -7.36
N LEU A 338 6.10 -12.17 -8.55
CA LEU A 338 7.07 -13.27 -8.75
C LEU A 338 8.49 -12.69 -8.71
N ARG A 339 9.36 -13.19 -7.84
CA ARG A 339 10.77 -12.71 -7.63
C ARG A 339 11.52 -12.57 -8.99
N SER A 340 11.38 -13.55 -9.87
CA SER A 340 12.16 -13.70 -11.14
C SER A 340 11.80 -12.56 -12.09
N ALA A 341 10.55 -12.08 -12.04
CA ALA A 341 10.08 -11.02 -12.97
C ALA A 341 10.71 -9.68 -12.61
N TRP A 342 11.28 -9.50 -11.42
CA TRP A 342 11.92 -8.19 -11.06
C TRP A 342 13.13 -7.86 -11.95
N SER A 343 13.74 -8.85 -12.61
CA SER A 343 14.97 -8.65 -13.40
CA SER A 343 14.97 -8.67 -13.43
C SER A 343 14.66 -7.89 -14.70
N ASP A 344 13.40 -7.76 -15.08
CA ASP A 344 13.09 -7.11 -16.38
C ASP A 344 13.73 -5.71 -16.40
N PRO A 345 14.32 -5.28 -17.55
CA PRO A 345 14.99 -3.99 -17.63
C PRO A 345 14.03 -2.81 -17.39
N SER A 346 12.74 -2.98 -17.67
CA SER A 346 11.75 -1.90 -17.43
C SER A 346 11.67 -1.60 -15.93
N PHE A 347 12.01 -2.56 -15.06
CA PHE A 347 12.14 -2.36 -13.59
C PHE A 347 13.57 -1.96 -13.23
N GLN A 348 14.56 -2.65 -13.76
CA GLN A 348 15.97 -2.52 -13.27
C GLN A 348 16.62 -1.21 -13.75
N GLN A 349 16.35 -0.77 -14.98
CA GLN A 349 16.94 0.43 -15.64
C GLN A 349 16.14 1.71 -15.29
N ASN A 350 15.05 1.60 -14.52
CA ASN A 350 14.21 2.74 -14.04
C ASN A 350 14.77 3.19 -12.69
N PRO A 351 15.52 4.31 -12.57
CA PRO A 351 16.17 4.65 -11.31
C PRO A 351 15.24 4.89 -10.10
N LEU A 352 14.05 5.47 -10.30
CA LEU A 352 13.06 5.71 -9.22
C LEU A 352 12.52 4.35 -8.75
N LEU A 353 12.30 3.43 -9.67
CA LEU A 353 11.75 2.13 -9.28
C LEU A 353 12.85 1.32 -8.61
N ARG A 354 14.10 1.46 -9.07
CA ARG A 354 15.25 0.82 -8.39
C ARG A 354 15.26 1.23 -6.90
N THR A 355 14.92 2.46 -6.55
CA THR A 355 14.84 2.88 -5.12
C THR A 355 13.79 2.05 -4.33
N PHE A 356 12.62 1.81 -4.90
CA PHE A 356 11.58 0.92 -4.36
C PHE A 356 12.09 -0.53 -4.26
N ILE A 357 12.77 -1.04 -5.28
CA ILE A 357 13.29 -2.44 -5.25
C ILE A 357 14.24 -2.57 -4.05
N GLN A 358 15.10 -1.58 -3.84
CA GLN A 358 16.11 -1.60 -2.75
C GLN A 358 15.39 -1.46 -1.41
N ALA A 359 14.30 -0.69 -1.35
CA ALA A 359 13.52 -0.50 -0.12
C ALA A 359 12.84 -1.80 0.28
N ALA A 360 12.65 -2.78 -0.64
CA ALA A 360 11.88 -4.00 -0.35
C ALA A 360 12.59 -4.88 0.68
N GLN A 361 13.91 -4.74 0.83
CA GLN A 361 14.71 -5.39 1.89
C GLN A 361 14.09 -5.10 3.27
N PHE A 362 13.48 -3.94 3.45
CA PHE A 362 12.97 -3.43 4.75
C PHE A 362 11.44 -3.45 4.77
N GLY A 363 10.82 -4.09 3.79
CA GLY A 363 9.37 -4.17 3.74
C GLY A 363 8.89 -5.02 4.89
N ARG A 364 7.74 -4.69 5.44
CA ARG A 364 7.11 -5.46 6.54
C ARG A 364 5.62 -5.53 6.20
N THR A 365 5.07 -6.69 6.45
CA THR A 365 3.64 -7.01 6.26
C THR A 365 2.93 -7.13 7.60
N TYR A 366 1.63 -7.13 7.48
CA TYR A 366 0.73 -7.47 8.56
C TYR A 366 0.59 -8.98 8.58
N PRO A 367 0.36 -9.55 9.77
CA PRO A 367 0.01 -10.96 9.91
C PRO A 367 -1.34 -11.23 9.21
N SER A 368 -1.45 -12.37 8.52
CA SER A 368 -2.64 -12.68 7.69
C SER A 368 -3.76 -13.22 8.59
N LEU A 369 -4.33 -12.39 9.46
CA LEU A 369 -5.32 -12.81 10.48
C LEU A 369 -6.74 -12.72 9.97
N ALA A 370 -7.61 -13.65 10.38
CA ALA A 370 -9.05 -13.54 10.05
C ALA A 370 -9.65 -12.21 10.56
N GLY A 371 -9.20 -11.73 11.71
CA GLY A 371 -9.80 -10.54 12.33
C GLY A 371 -9.03 -9.26 11.97
N TRP A 372 -8.09 -9.32 11.01
CA TRP A 372 -7.21 -8.15 10.68
C TRP A 372 -8.01 -6.88 10.39
N GLY A 373 -9.04 -6.95 9.57
CA GLY A 373 -9.84 -5.77 9.21
C GLY A 373 -10.49 -5.13 10.41
N GLY A 374 -10.98 -5.95 11.35
CA GLY A 374 -11.57 -5.44 12.60
C GLY A 374 -10.56 -4.69 13.41
N VAL A 375 -9.35 -5.25 13.50
CA VAL A 375 -8.20 -4.65 14.20
C VAL A 375 -7.84 -3.33 13.56
N GLU A 376 -7.67 -3.32 12.25
CA GLU A 376 -7.18 -2.11 11.56
C GLU A 376 -8.28 -1.04 11.69
N ASN A 377 -9.55 -1.40 11.57
CA ASN A 377 -10.68 -0.43 11.67
C ASN A 377 -10.75 0.23 13.04
N LEU A 378 -10.52 -0.54 14.13
CA LEU A 378 -10.47 0.08 15.48
C LEU A 378 -9.24 0.93 15.62
N ALA A 379 -8.09 0.52 15.05
CA ALA A 379 -6.87 1.35 15.15
C ALA A 379 -7.06 2.70 14.44
N VAL A 380 -7.57 2.71 13.21
CA VAL A 380 -7.69 3.97 12.42
C VAL A 380 -8.75 4.86 13.09
N GLN A 381 -9.84 4.35 13.66
CA GLN A 381 -10.87 5.22 14.31
C GLN A 381 -10.18 6.04 15.42
N HIS A 382 -9.34 5.38 16.23
CA HIS A 382 -8.62 6.04 17.36
C HIS A 382 -7.50 6.93 16.82
N LEU A 383 -6.79 6.52 15.79
CA LEU A 383 -5.79 7.42 15.15
C LEU A 383 -6.44 8.67 14.55
N GLY A 384 -7.66 8.57 14.03
CA GLY A 384 -8.37 9.75 13.52
C GLY A 384 -8.64 10.72 14.66
N MET A 385 -8.88 10.22 15.87
CA MET A 385 -9.12 11.12 17.04
C MET A 385 -7.79 11.79 17.37
N ALA A 386 -6.70 11.04 17.25
CA ALA A 386 -5.37 11.62 17.49
C ALA A 386 -5.16 12.77 16.50
N TRP A 387 -5.44 12.59 15.22
CA TRP A 387 -5.20 13.66 14.22
C TRP A 387 -6.06 14.89 14.55
N ASP A 388 -7.30 14.65 15.00
CA ASP A 388 -8.19 15.77 15.39
C ASP A 388 -7.57 16.56 16.53
N LEU A 389 -6.83 15.92 17.47
CA LEU A 389 -6.12 16.69 18.52
C LEU A 389 -4.93 17.44 17.91
N VAL A 390 -4.23 16.83 16.95
CA VAL A 390 -3.14 17.56 16.27
C VAL A 390 -3.69 18.82 15.60
N ALA A 391 -4.91 18.80 15.06
CA ALA A 391 -5.53 19.95 14.34
C ALA A 391 -5.81 21.08 15.35
N GLN A 392 -5.76 20.81 16.65
CA GLN A 392 -5.95 21.81 17.77
C GLN A 392 -4.59 22.20 18.37
N GLY A 393 -3.53 21.53 17.94
CA GLY A 393 -2.19 21.60 18.56
C GLY A 393 -2.20 20.96 19.93
N ARG A 394 -3.12 20.06 20.22
CA ARG A 394 -3.26 19.50 21.58
C ARG A 394 -2.93 18.02 21.66
N LEU A 395 -2.17 17.48 20.71
CA LEU A 395 -1.77 16.08 20.94
C LEU A 395 -0.64 16.04 21.96
N THR A 396 -0.84 15.41 23.10
CA THR A 396 0.24 15.19 24.08
C THR A 396 0.57 13.72 23.96
N ARG A 397 1.74 13.33 24.48
CA ARG A 397 2.00 11.91 24.72
C ARG A 397 0.90 11.26 25.55
N GLU A 398 0.44 11.88 26.64
CA GLU A 398 -0.62 11.28 27.52
C GLU A 398 -1.93 11.10 26.74
N ALA A 399 -2.32 12.10 25.95
CA ALA A 399 -3.57 12.05 25.15
C ALA A 399 -3.46 10.88 24.17
N LEU A 400 -2.32 10.75 23.53
CA LEU A 400 -2.11 9.66 22.56
C LEU A 400 -2.15 8.32 23.24
N LYS A 401 -1.55 8.22 24.42
CA LYS A 401 -1.53 6.93 25.14
C LYS A 401 -2.96 6.56 25.50
N ASP A 402 -3.74 7.50 26.02
CA ASP A 402 -5.14 7.22 26.41
C ASP A 402 -5.89 6.71 25.18
N LEU A 403 -5.76 7.37 24.03
CA LEU A 403 -6.44 6.94 22.76
C LEU A 403 -5.99 5.53 22.37
N MET A 404 -4.71 5.22 22.43
CA MET A 404 -4.18 3.87 22.07
C MET A 404 -4.51 2.81 23.13
N ASP A 405 -4.69 3.19 24.39
CA ASP A 405 -5.20 2.29 25.46
C ASP A 405 -6.65 1.92 25.19
N LYS A 406 -7.47 2.88 24.78
CA LYS A 406 -8.85 2.59 24.36
C LYS A 406 -8.88 1.67 23.11
N ALA A 407 -8.11 1.98 22.07
CA ALA A 407 -8.00 1.16 20.85
C ALA A 407 -7.59 -0.25 21.29
N SER A 408 -6.57 -0.37 22.13
CA SER A 408 -6.06 -1.71 22.52
C SER A 408 -7.14 -2.53 23.23
N ALA A 409 -7.89 -1.95 24.17
CA ALA A 409 -8.96 -2.68 24.87
C ALA A 409 -9.91 -3.26 23.82
N ALA A 410 -10.31 -2.43 22.84
CA ALA A 410 -11.32 -2.83 21.84
C ALA A 410 -10.76 -3.93 20.93
N ILE A 411 -9.50 -3.81 20.53
CA ILE A 411 -8.79 -4.76 19.63
C ILE A 411 -8.68 -6.11 20.33
N ASN A 412 -8.25 -6.09 21.59
CA ASN A 412 -8.11 -7.30 22.45
C ASN A 412 -9.47 -8.03 22.54
N GLN A 413 -10.54 -7.28 22.76
CA GLN A 413 -11.92 -7.84 22.87
C GLN A 413 -12.23 -8.50 21.53
N ALA A 414 -11.92 -7.87 20.40
CA ALA A 414 -12.19 -8.44 19.05
C ALA A 414 -11.30 -9.67 18.81
N LEU A 415 -10.05 -9.67 19.31
CA LEU A 415 -9.11 -10.78 19.06
C LEU A 415 -9.51 -12.00 19.90
N ARG A 416 -10.30 -11.84 20.98
CA ARG A 416 -10.95 -12.93 21.75
C ARG A 416 -12.23 -13.39 21.03
#